data_6G6Y
#
_entry.id   6G6Y
#
_cell.length_a   62.474
_cell.length_b   108.368
_cell.length_c   111.373
_cell.angle_alpha   90.00
_cell.angle_beta   90.00
_cell.angle_gamma   90.00
#
_symmetry.space_group_name_H-M   'C 2 2 21'
#
loop_
_entity.id
_entity.type
_entity.pdbx_description
1 polymer 'Kinesin-like protein KIF11'
2 non-polymer "ADENOSINE-5'-DIPHOSPHATE"
3 non-polymer 'MAGNESIUM ION'
4 non-polymer (~{N}~{Z})-~{N}-[(5~{S})-4-ethanoyl-5-methyl-5-phenyl-1,3,4-thiadiazolidin-2-ylidene]ethanamide
5 water water
#
_entity_poly.entity_id   1
_entity_poly.type   'polypeptide(L)'
_entity_poly.pdbx_seq_one_letter_code
;GPMASQPNSSAKKKEEKGKNIQVVVRCRPFNLAERKASAHSIVECDPVRKEVSVRTGGLADKSSRKTYTFDMVFGASTKQ
IDVYRSVVCPILDEVIMGYNCTIFAYGQTGTGKTFTMEGERSPNEEYTWEEDPLAGIIPRTLHQIFEKLTDNGTEFSVKV
SLLEIYNEELFDLLNPSSDVSERLQMFDDPRNKRGVIIKGLEEITVHNKDEVYQILEKGAAKRTTAATLMNAYSSRSHSV
FSVTIHMKETTIDGEELVKIGKLNLVDLAGSENIGRSGAVDKRAREAGNINQSLLTLGRVITALVERTPHVPYRESKLTR
ILQDSLGGRTRTSIIATISPASLNLEETLSTLEYAHRAKNILNKPEVNQK
;
_entity_poly.pdbx_strand_id   A
#
loop_
_chem_comp.id
_chem_comp.type
_chem_comp.name
_chem_comp.formula
ADP non-polymer ADENOSINE-5'-DIPHOSPHATE 'C10 H15 N5 O10 P2'
EOK non-polymer (~{N}~{Z})-~{N}-[(5~{S})-4-ethanoyl-5-methyl-5-phenyl-1,3,4-thiadiazolidin-2-ylidene]ethanamide 'C13 H15 N3 O2 S'
MG non-polymer 'MAGNESIUM ION' 'Mg 2'
#
# COMPACT_ATOMS: atom_id res chain seq x y z
N LYS A 19 -11.34 8.68 -12.60
CA LYS A 19 -9.89 8.81 -12.76
C LYS A 19 -9.20 7.46 -12.84
N ASN A 20 -8.14 7.37 -13.66
CA ASN A 20 -7.38 6.14 -13.76
C ASN A 20 -6.56 5.89 -12.51
N ILE A 21 -6.28 4.62 -12.26
CA ILE A 21 -5.36 4.26 -11.20
C ILE A 21 -3.99 4.83 -11.55
N GLN A 22 -3.38 5.56 -10.63
CA GLN A 22 -2.00 5.99 -10.80
C GLN A 22 -1.06 4.85 -10.46
N VAL A 23 -0.05 4.65 -11.29
CA VAL A 23 0.89 3.54 -11.12
C VAL A 23 2.32 4.06 -11.18
N VAL A 24 3.07 3.85 -10.10
CA VAL A 24 4.44 4.29 -10.05
C VAL A 24 5.30 3.08 -9.77
N VAL A 25 6.57 3.19 -10.14
CA VAL A 25 7.52 2.11 -9.92
C VAL A 25 8.61 2.63 -9.01
N ARG A 26 9.01 1.80 -8.04
CA ARG A 26 10.16 2.12 -7.22
C ARG A 26 11.18 0.98 -7.32
N CYS A 27 12.38 1.28 -7.83
CA CYS A 27 13.47 0.30 -7.86
C CYS A 27 14.39 0.54 -6.67
N ARG A 28 14.76 -0.52 -5.96
CA ARG A 28 15.66 -0.37 -4.83
C ARG A 28 17.09 -0.60 -5.27
N PRO A 29 18.09 -0.22 -4.45
CA PRO A 29 19.48 -0.52 -4.81
C PRO A 29 19.72 -2.01 -4.77
N PHE A 30 20.88 -2.39 -5.33
CA PHE A 30 21.35 -3.77 -5.21
C PHE A 30 21.56 -4.13 -3.76
N ASN A 31 21.17 -5.35 -3.39
CA ASN A 31 21.49 -5.80 -2.05
C ASN A 31 22.61 -6.84 -2.11
N LEU A 32 23.16 -7.17 -0.95
CA LEU A 32 24.36 -8.02 -0.96
C LEU A 32 24.05 -9.47 -1.36
N ALA A 33 22.84 -9.95 -1.11
CA ALA A 33 22.48 -11.28 -1.59
C ALA A 33 22.58 -11.35 -3.10
N GLU A 34 22.18 -10.27 -3.79
CA GLU A 34 22.26 -10.19 -5.24
C GLU A 34 23.70 -10.08 -5.69
N ARG A 35 24.53 -9.40 -4.91
CA ARG A 35 25.96 -9.36 -5.25
C ARG A 35 26.57 -10.76 -5.11
N LYS A 36 26.14 -11.53 -4.09
CA LYS A 36 26.71 -12.87 -3.88
C LYS A 36 26.20 -13.87 -4.93
N ALA A 37 25.02 -13.66 -5.47
CA ALA A 37 24.54 -14.49 -6.56
C ALA A 37 25.20 -14.17 -7.92
N SER A 38 26.13 -13.21 -7.96
CA SER A 38 26.82 -12.80 -9.18
C SER A 38 25.90 -12.09 -10.16
N ALA A 39 24.85 -11.43 -9.66
CA ALA A 39 23.91 -10.84 -10.57
C ALA A 39 24.49 -9.56 -11.17
N HIS A 40 23.96 -9.17 -12.32
CA HIS A 40 24.33 -7.88 -12.89
C HIS A 40 23.07 -7.02 -12.94
N SER A 41 23.24 -5.73 -13.17
CA SER A 41 22.07 -4.87 -13.24
C SER A 41 21.35 -5.01 -14.59
N ILE A 42 20.03 -5.15 -14.55
CA ILE A 42 19.23 -5.22 -15.77
C ILE A 42 18.13 -4.15 -15.81
N VAL A 43 18.09 -3.24 -14.84
CA VAL A 43 17.03 -2.26 -14.77
C VAL A 43 17.63 -0.87 -14.86
N GLU A 44 17.01 -0.03 -15.69
CA GLU A 44 17.39 1.38 -15.79
C GLU A 44 16.13 2.20 -15.54
N CYS A 45 16.17 3.00 -14.47
CA CYS A 45 15.09 3.90 -14.13
C CYS A 45 15.42 5.28 -14.67
N ASP A 46 14.45 5.88 -15.37
CA ASP A 46 14.56 7.23 -15.92
C ASP A 46 13.45 8.07 -15.31
N PRO A 47 13.68 8.67 -14.13
CA PRO A 47 12.61 9.47 -13.50
C PRO A 47 12.10 10.61 -14.39
N VAL A 48 12.98 11.21 -15.17
CA VAL A 48 12.55 12.35 -15.98
C VAL A 48 11.59 11.90 -17.07
N ARG A 49 11.92 10.82 -17.78
CA ARG A 49 11.01 10.28 -18.77
C ARG A 49 9.91 9.41 -18.18
N LYS A 50 9.94 9.12 -16.88
CA LYS A 50 8.95 8.24 -16.25
C LYS A 50 8.96 6.87 -16.90
N GLU A 51 10.16 6.36 -17.16
CA GLU A 51 10.34 5.11 -17.86
C GLU A 51 11.19 4.14 -17.05
N VAL A 52 10.90 2.86 -17.24
CA VAL A 52 11.69 1.77 -16.72
C VAL A 52 12.05 0.90 -17.91
N SER A 53 13.35 0.62 -18.07
CA SER A 53 13.86 -0.22 -19.14
C SER A 53 14.49 -1.47 -18.51
N VAL A 54 14.22 -2.64 -19.10
CA VAL A 54 14.68 -3.92 -18.56
C VAL A 54 15.41 -4.62 -19.69
N ARG A 55 16.66 -4.97 -19.46
CA ARG A 55 17.34 -5.80 -20.46
C ARG A 55 16.92 -7.27 -20.29
N THR A 56 16.45 -7.85 -21.39
CA THR A 56 15.62 -9.05 -21.35
C THR A 56 16.34 -10.33 -21.77
N GLY A 57 17.60 -10.26 -22.16
CA GLY A 57 18.33 -11.49 -22.48
C GLY A 57 18.69 -12.22 -21.19
N SER A 63 21.69 -7.13 -25.80
CA SER A 63 21.28 -5.73 -25.58
C SER A 63 19.81 -5.50 -25.89
N SER A 64 19.04 -6.58 -25.99
CA SER A 64 17.59 -6.46 -26.11
C SER A 64 16.99 -5.91 -24.81
N ARG A 65 15.93 -5.12 -24.96
CA ARG A 65 15.40 -4.30 -23.89
C ARG A 65 13.89 -4.13 -24.06
N LYS A 66 13.21 -3.95 -22.92
CA LYS A 66 11.78 -3.67 -22.91
C LYS A 66 11.57 -2.45 -22.03
N THR A 67 10.94 -1.40 -22.58
CA THR A 67 10.68 -0.18 -21.83
C THR A 67 9.19 -0.02 -21.51
N TYR A 68 8.91 0.45 -20.28
CA TYR A 68 7.57 0.72 -19.81
C TYR A 68 7.50 2.18 -19.38
N THR A 69 6.37 2.82 -19.61
CA THR A 69 6.13 4.15 -19.08
CA THR A 69 6.10 4.15 -19.09
C THR A 69 5.13 4.07 -17.93
N PHE A 70 5.42 4.78 -16.86
CA PHE A 70 4.53 4.85 -15.72
C PHE A 70 4.21 6.30 -15.40
N ASP A 71 3.35 6.49 -14.41
CA ASP A 71 3.01 7.83 -13.98
C ASP A 71 4.17 8.51 -13.28
N MET A 72 4.96 7.74 -12.50
CA MET A 72 6.23 8.19 -11.95
C MET A 72 7.16 6.99 -11.87
N VAL A 73 8.46 7.26 -11.95
CA VAL A 73 9.47 6.21 -11.77
C VAL A 73 10.51 6.72 -10.77
N PHE A 74 10.77 5.92 -9.73
CA PHE A 74 11.76 6.25 -8.71
C PHE A 74 12.90 5.24 -8.75
N GLY A 75 14.14 5.73 -8.84
CA GLY A 75 15.29 4.87 -8.96
C GLY A 75 15.89 4.62 -7.60
N ALA A 76 17.04 3.98 -7.61
CA ALA A 76 17.56 3.46 -6.36
C ALA A 76 18.07 4.55 -5.43
N SER A 77 18.28 5.77 -5.88
CA SER A 77 18.69 6.76 -4.89
C SER A 77 17.52 7.50 -4.27
N THR A 78 16.28 7.12 -4.60
CA THR A 78 15.10 7.83 -4.06
C THR A 78 15.01 7.71 -2.54
N LYS A 79 14.82 8.84 -1.84
CA LYS A 79 14.68 8.81 -0.39
C LYS A 79 13.21 8.67 0.01
N GLN A 80 12.99 8.13 1.22
CA GLN A 80 11.63 7.98 1.72
C GLN A 80 10.84 9.27 1.54
N ILE A 81 11.46 10.39 1.91
CA ILE A 81 10.72 11.64 1.90
C ILE A 81 10.34 12.03 0.46
N ASP A 82 11.14 11.65 -0.54
CA ASP A 82 10.79 11.86 -1.94
C ASP A 82 9.52 11.12 -2.33
N VAL A 83 9.45 9.82 -1.98
CA VAL A 83 8.23 9.05 -2.22
C VAL A 83 7.03 9.73 -1.58
N TYR A 84 7.18 10.14 -0.33
CA TYR A 84 6.06 10.70 0.38
C TYR A 84 5.58 11.97 -0.34
N ARG A 85 6.49 12.91 -0.61
CA ARG A 85 6.05 14.19 -1.19
C ARG A 85 5.49 14.00 -2.57
N SER A 86 6.08 13.12 -3.38
CA SER A 86 5.67 13.02 -4.78
C SER A 86 4.39 12.21 -4.94
N VAL A 87 4.20 11.17 -4.13
CA VAL A 87 3.09 10.25 -4.30
C VAL A 87 1.98 10.53 -3.31
N VAL A 88 2.34 10.66 -2.03
CA VAL A 88 1.35 10.59 -0.98
C VAL A 88 0.76 11.94 -0.67
N CYS A 89 1.56 12.98 -0.65
CA CYS A 89 1.03 14.31 -0.34
CA CYS A 89 1.00 14.29 -0.32
C CYS A 89 -0.20 14.66 -1.19
N PRO A 90 -0.16 14.53 -2.54
CA PRO A 90 -1.39 14.76 -3.33
C PRO A 90 -2.57 13.93 -2.88
N ILE A 91 -2.31 12.67 -2.51
CA ILE A 91 -3.36 11.76 -2.09
C ILE A 91 -3.91 12.16 -0.74
N LEU A 92 -3.04 12.58 0.20
CA LEU A 92 -3.54 13.02 1.50
C LEU A 92 -4.40 14.26 1.35
N ASP A 93 -4.10 15.11 0.37
CA ASP A 93 -4.92 16.30 0.18
C ASP A 93 -6.35 15.93 -0.24
N GLU A 94 -6.45 14.92 -1.10
CA GLU A 94 -7.73 14.38 -1.53
C GLU A 94 -8.49 13.78 -0.37
N VAL A 95 -7.79 13.07 0.51
CA VAL A 95 -8.47 12.50 1.67
C VAL A 95 -9.03 13.61 2.53
N ILE A 96 -8.25 14.67 2.71
CA ILE A 96 -8.69 15.71 3.63
C ILE A 96 -9.86 16.47 3.03
N MET A 97 -9.97 16.51 1.69
CA MET A 97 -11.18 16.95 1.00
C MET A 97 -12.40 16.05 1.25
N GLY A 98 -12.24 14.95 1.99
CA GLY A 98 -13.34 14.04 2.23
C GLY A 98 -13.54 12.93 1.22
N TYR A 99 -12.47 12.50 0.54
CA TYR A 99 -12.54 11.35 -0.36
C TYR A 99 -11.97 10.12 0.34
N ASN A 100 -12.21 8.97 -0.27
CA ASN A 100 -11.55 7.73 0.10
C ASN A 100 -10.40 7.50 -0.87
N CYS A 101 -9.24 7.08 -0.35
CA CYS A 101 -8.10 6.79 -1.22
C CYS A 101 -7.42 5.54 -0.71
N THR A 102 -6.71 4.89 -1.63
CA THR A 102 -5.95 3.67 -1.33
C THR A 102 -4.62 3.75 -2.06
N ILE A 103 -3.56 3.33 -1.38
CA ILE A 103 -2.27 3.10 -2.01
C ILE A 103 -1.92 1.66 -1.74
N PHE A 104 -1.65 0.88 -2.81
CA PHE A 104 -1.10 -0.49 -2.76
C PHE A 104 0.40 -0.51 -2.99
N ALA A 105 1.10 -1.39 -2.29
CA ALA A 105 2.47 -1.76 -2.65
C ALA A 105 2.44 -3.19 -3.16
N TYR A 106 2.96 -3.40 -4.38
CA TYR A 106 2.90 -4.64 -5.12
C TYR A 106 4.30 -5.01 -5.60
N GLY A 107 4.71 -6.27 -5.40
CA GLY A 107 5.95 -6.68 -6.00
C GLY A 107 6.54 -7.88 -5.28
N GLN A 108 7.72 -8.27 -5.77
CA GLN A 108 8.40 -9.46 -5.29
C GLN A 108 8.92 -9.29 -3.88
N THR A 109 8.81 -10.37 -3.09
CA THR A 109 9.41 -10.35 -1.76
C THR A 109 10.84 -9.84 -1.83
N GLY A 110 11.17 -8.95 -0.89
CA GLY A 110 12.48 -8.39 -0.77
C GLY A 110 12.74 -7.15 -1.59
N THR A 111 11.75 -6.65 -2.34
CA THR A 111 11.99 -5.52 -3.23
C THR A 111 11.65 -4.14 -2.65
N GLY A 112 10.89 -4.07 -1.56
CA GLY A 112 10.76 -2.80 -0.84
C GLY A 112 9.35 -2.42 -0.47
N LYS A 113 8.42 -3.38 -0.50
CA LYS A 113 7.01 -3.07 -0.15
C LYS A 113 6.89 -2.52 1.27
N THR A 114 7.45 -3.23 2.23
CA THR A 114 7.31 -2.81 3.61
C THR A 114 8.18 -1.60 3.90
N PHE A 115 9.39 -1.58 3.33
CA PHE A 115 10.23 -0.40 3.49
C PHE A 115 9.51 0.84 2.95
N THR A 116 8.77 0.65 1.87
CA THR A 116 8.04 1.77 1.29
C THR A 116 6.83 2.14 2.15
N MET A 117 6.02 1.16 2.52
CA MET A 117 4.78 1.51 3.22
C MET A 117 5.03 1.89 4.69
N GLU A 118 5.99 1.24 5.33
CA GLU A 118 6.24 1.46 6.75
C GLU A 118 7.55 2.16 7.02
N GLY A 119 8.60 1.72 6.34
CA GLY A 119 9.90 2.23 6.62
C GLY A 119 10.52 1.50 7.81
N GLU A 120 11.50 2.16 8.39
CA GLU A 120 12.30 1.59 9.45
C GLU A 120 12.70 2.72 10.33
N ARG A 121 13.15 2.38 11.54
CA ARG A 121 13.83 3.33 12.39
C ARG A 121 15.34 3.30 12.12
N SER A 122 15.96 4.48 12.07
CA SER A 122 17.40 4.59 11.94
C SER A 122 18.08 4.01 13.18
N PRO A 123 19.26 3.39 13.05
CA PRO A 123 19.89 2.75 14.22
C PRO A 123 20.29 3.76 15.29
N ASN A 124 20.49 3.25 16.50
CA ASN A 124 21.13 3.98 17.60
C ASN A 124 20.29 5.13 18.11
N GLU A 125 18.96 5.03 18.04
CA GLU A 125 18.07 6.04 18.62
C GLU A 125 18.43 7.45 18.16
N GLU A 126 18.88 7.58 16.92
CA GLU A 126 19.47 8.82 16.44
C GLU A 126 18.43 9.91 16.15
N TYR A 127 17.20 9.52 15.84
CA TYR A 127 16.17 10.46 15.45
C TYR A 127 14.94 10.24 16.30
N THR A 128 14.19 11.31 16.51
CA THR A 128 12.80 11.14 16.92
C THR A 128 12.02 10.55 15.75
N TRP A 129 10.95 9.82 16.08
CA TRP A 129 10.20 9.11 15.04
C TRP A 129 9.69 10.07 13.97
N GLU A 130 9.30 11.28 14.38
CA GLU A 130 8.73 12.22 13.44
C GLU A 130 9.77 12.78 12.48
N GLU A 131 11.04 12.69 12.84
CA GLU A 131 12.11 13.28 12.05
C GLU A 131 12.99 12.23 11.41
N ASP A 132 12.65 10.97 11.55
CA ASP A 132 13.51 9.89 11.09
C ASP A 132 13.47 9.76 9.57
N PRO A 133 14.61 9.92 8.87
CA PRO A 133 14.56 9.86 7.39
C PRO A 133 14.21 8.48 6.85
N LEU A 134 14.31 7.40 7.64
CA LEU A 134 13.88 6.09 7.16
C LEU A 134 12.40 5.78 7.36
N ALA A 135 11.63 6.67 7.99
CA ALA A 135 10.18 6.46 8.05
C ALA A 135 9.60 6.32 6.65
N GLY A 136 8.67 5.40 6.51
CA GLY A 136 7.90 5.22 5.28
C GLY A 136 6.53 5.92 5.31
N ILE A 137 5.64 5.44 4.45
CA ILE A 137 4.41 6.18 4.12
C ILE A 137 3.47 6.27 5.31
N ILE A 138 3.26 5.16 6.02
CA ILE A 138 2.32 5.16 7.15
C ILE A 138 2.72 6.15 8.26
N PRO A 139 3.92 6.04 8.88
CA PRO A 139 4.26 7.04 9.92
C PRO A 139 4.23 8.47 9.43
N ARG A 140 4.75 8.75 8.22
CA ARG A 140 4.74 10.13 7.72
C ARG A 140 3.32 10.64 7.52
N THR A 141 2.45 9.79 6.97
CA THR A 141 1.08 10.23 6.74
C THR A 141 0.39 10.64 8.04
N LEU A 142 0.57 9.84 9.09
CA LEU A 142 -0.10 10.14 10.36
C LEU A 142 0.47 11.43 10.96
N HIS A 143 1.79 11.61 10.86
CA HIS A 143 2.37 12.85 11.31
C HIS A 143 1.83 14.04 10.52
N GLN A 144 1.69 13.89 9.21
CA GLN A 144 1.28 15.04 8.38
C GLN A 144 -0.19 15.33 8.53
N ILE A 145 -0.99 14.33 8.90
CA ILE A 145 -2.38 14.61 9.20
C ILE A 145 -2.47 15.64 10.33
N PHE A 146 -1.70 15.43 11.38
CA PHE A 146 -1.77 16.37 12.50
C PHE A 146 -1.18 17.72 12.13
N GLU A 147 -0.08 17.75 11.36
CA GLU A 147 0.47 19.05 10.95
C GLU A 147 -0.52 19.82 10.10
N LYS A 148 -1.22 19.13 9.21
CA LYS A 148 -2.01 19.83 8.21
C LYS A 148 -3.30 20.36 8.82
N LEU A 149 -3.90 19.59 9.71
CA LEU A 149 -5.22 19.96 10.25
C LEU A 149 -5.13 20.74 11.55
N THR A 150 -3.99 20.79 12.21
CA THR A 150 -3.91 21.44 13.50
C THR A 150 -3.94 22.96 13.32
N ASP A 151 -4.91 23.60 13.96
CA ASP A 151 -5.08 25.06 14.01
C ASP A 151 -5.09 25.73 12.64
N ASN A 152 -5.28 24.95 11.57
CA ASN A 152 -5.75 25.55 10.33
C ASN A 152 -7.27 25.70 10.33
N GLY A 153 -7.83 25.97 11.52
CA GLY A 153 -9.24 26.23 11.72
C GLY A 153 -10.09 25.02 12.05
N THR A 154 -9.49 23.83 12.14
CA THR A 154 -10.20 22.59 11.94
C THR A 154 -10.35 21.79 13.22
N GLU A 155 -11.56 21.26 13.43
CA GLU A 155 -11.81 20.30 14.48
C GLU A 155 -11.84 18.91 13.86
N PHE A 156 -11.08 17.97 14.44
CA PHE A 156 -10.92 16.71 13.75
C PHE A 156 -10.59 15.58 14.73
N SER A 157 -10.87 14.38 14.28
CA SER A 157 -10.47 13.19 15.00
C SER A 157 -9.94 12.19 13.99
N VAL A 158 -9.01 11.38 14.46
CA VAL A 158 -8.26 10.47 13.60
C VAL A 158 -8.35 9.09 14.24
N LYS A 159 -8.72 8.07 13.47
CA LYS A 159 -8.63 6.73 14.02
C LYS A 159 -7.97 5.82 13.00
N VAL A 160 -7.33 4.78 13.54
CA VAL A 160 -6.53 3.90 12.72
C VAL A 160 -6.88 2.47 13.06
N SER A 161 -6.70 1.61 12.08
CA SER A 161 -6.84 0.19 12.28
C SER A 161 -5.74 -0.47 11.46
N LEU A 162 -5.40 -1.68 11.87
CA LEU A 162 -4.37 -2.42 11.14
C LEU A 162 -4.77 -3.88 11.15
N LEU A 163 -5.08 -4.43 9.97
CA LEU A 163 -5.39 -5.84 9.90
C LEU A 163 -4.44 -6.53 8.93
N GLU A 164 -4.23 -7.81 9.19
CA GLU A 164 -3.51 -8.67 8.27
C GLU A 164 -4.49 -9.71 7.72
N ILE A 165 -4.22 -10.10 6.48
CA ILE A 165 -4.93 -11.19 5.81
C ILE A 165 -3.90 -12.29 5.55
N TYR A 166 -4.08 -13.44 6.18
CA TYR A 166 -3.18 -14.56 5.93
C TYR A 166 -4.03 -15.81 5.83
N ASN A 167 -3.84 -16.56 4.74
CA ASN A 167 -4.58 -17.80 4.52
C ASN A 167 -6.08 -17.58 4.57
N GLU A 168 -6.54 -16.47 3.96
CA GLU A 168 -7.94 -16.09 3.92
C GLU A 168 -8.51 -15.97 5.33
N GLU A 169 -7.67 -15.61 6.29
CA GLU A 169 -8.12 -15.31 7.64
C GLU A 169 -7.67 -13.90 8.05
N LEU A 170 -8.49 -13.27 8.89
CA LEU A 170 -8.31 -11.88 9.27
C LEU A 170 -7.74 -11.79 10.67
N PHE A 171 -6.72 -10.96 10.84
CA PHE A 171 -6.02 -10.82 12.10
C PHE A 171 -5.94 -9.35 12.41
N ASP A 172 -6.31 -8.98 13.62
CA ASP A 172 -6.32 -7.58 14.03
C ASP A 172 -5.02 -7.34 14.78
N LEU A 173 -4.07 -6.66 14.13
CA LEU A 173 -2.79 -6.40 14.75
C LEU A 173 -2.87 -5.43 15.93
N LEU A 174 -3.94 -4.65 16.08
CA LEU A 174 -4.06 -3.73 17.19
C LEU A 174 -4.91 -4.28 18.33
N ASN A 175 -5.33 -5.53 18.26
CA ASN A 175 -6.13 -6.10 19.33
C ASN A 175 -5.22 -6.80 20.30
N PRO A 176 -5.11 -6.33 21.55
CA PRO A 176 -4.10 -6.86 22.47
C PRO A 176 -4.43 -8.22 23.08
N SER A 177 -5.45 -8.91 22.60
CA SER A 177 -5.84 -10.18 23.22
C SER A 177 -4.81 -11.28 22.97
N GLU A 182 -7.54 -13.99 18.04
CA GLU A 182 -8.91 -14.08 17.56
C GLU A 182 -9.01 -13.92 16.03
N ARG A 183 -10.24 -13.72 15.55
CA ARG A 183 -10.51 -13.77 14.12
C ARG A 183 -11.71 -12.89 13.81
N LEU A 184 -11.53 -11.97 12.86
CA LEU A 184 -12.56 -10.99 12.55
C LEU A 184 -13.59 -11.55 11.56
N GLN A 185 -14.80 -11.02 11.65
CA GLN A 185 -15.91 -11.42 10.78
C GLN A 185 -16.24 -10.30 9.80
N MET A 186 -16.47 -10.70 8.55
CA MET A 186 -16.80 -9.78 7.48
C MET A 186 -18.31 -9.78 7.24
N PHE A 187 -18.92 -8.60 7.25
CA PHE A 187 -20.33 -8.42 6.94
C PHE A 187 -20.47 -7.45 5.77
N ASP A 188 -21.51 -7.64 4.97
CA ASP A 188 -21.81 -6.64 3.93
C ASP A 188 -22.10 -5.29 4.57
N ASP A 189 -21.75 -4.23 3.83
CA ASP A 189 -22.15 -2.89 4.22
C ASP A 189 -23.47 -2.57 3.54
N PRO A 190 -24.59 -2.55 4.27
CA PRO A 190 -25.88 -2.28 3.61
C PRO A 190 -25.97 -0.88 3.02
N ARG A 191 -25.12 0.05 3.47
CA ARG A 191 -25.10 1.40 2.94
C ARG A 191 -24.28 1.51 1.65
N ASN A 192 -23.37 0.57 1.39
CA ASN A 192 -22.53 0.62 0.20
C ASN A 192 -22.30 -0.81 -0.30
N LYS A 193 -22.73 -1.08 -1.54
CA LYS A 193 -22.67 -2.42 -2.10
C LYS A 193 -21.24 -2.87 -2.36
N ARG A 194 -20.34 -1.92 -2.64
CA ARG A 194 -18.95 -2.21 -2.92
C ARG A 194 -18.10 -2.22 -1.66
N GLY A 195 -18.74 -2.35 -0.49
CA GLY A 195 -18.04 -2.18 0.77
C GLY A 195 -18.34 -3.32 1.73
N VAL A 196 -17.51 -3.38 2.78
CA VAL A 196 -17.65 -4.41 3.80
C VAL A 196 -17.48 -3.74 5.16
N ILE A 197 -17.98 -4.41 6.20
CA ILE A 197 -17.77 -4.02 7.59
C ILE A 197 -17.10 -5.17 8.33
N ILE A 198 -15.95 -4.90 8.95
CA ILE A 198 -15.19 -5.89 9.68
C ILE A 198 -15.58 -5.79 11.15
N LYS A 199 -16.43 -6.70 11.62
CA LYS A 199 -16.88 -6.62 13.00
C LYS A 199 -15.78 -7.03 13.97
N GLY A 200 -15.58 -6.25 15.01
CA GLY A 200 -14.56 -6.51 15.99
C GLY A 200 -13.21 -5.87 15.73
N LEU A 201 -13.04 -5.20 14.58
CA LEU A 201 -11.80 -4.50 14.28
C LEU A 201 -11.57 -3.37 15.28
N GLU A 202 -10.38 -3.35 15.90
CA GLU A 202 -10.00 -2.25 16.79
C GLU A 202 -9.68 -1.02 15.96
N GLU A 203 -10.53 0.01 16.07
CA GLU A 203 -10.32 1.30 15.42
C GLU A 203 -9.96 2.28 16.52
N ILE A 204 -8.69 2.64 16.61
CA ILE A 204 -8.13 3.31 17.78
C ILE A 204 -8.04 4.80 17.49
N THR A 205 -8.58 5.61 18.38
CA THR A 205 -8.49 7.05 18.21
C THR A 205 -7.08 7.52 18.54
N VAL A 206 -6.47 8.29 17.64
CA VAL A 206 -5.13 8.84 17.87
C VAL A 206 -5.28 10.30 18.27
N HIS A 207 -5.02 10.62 19.56
CA HIS A 207 -5.33 11.96 20.06
C HIS A 207 -4.27 13.00 19.75
N ASN A 208 -3.03 12.60 19.48
CA ASN A 208 -1.96 13.59 19.26
C ASN A 208 -0.81 12.85 18.60
N LYS A 209 0.19 13.60 18.13
CA LYS A 209 1.35 12.97 17.47
C LYS A 209 2.03 11.94 18.36
N ASP A 210 2.13 12.22 19.65
CA ASP A 210 2.81 11.26 20.51
C ASP A 210 2.08 9.93 20.55
N GLU A 211 0.75 9.94 20.42
CA GLU A 211 0.02 8.67 20.41
C GLU A 211 0.31 7.84 19.16
N VAL A 212 0.60 8.48 18.03
CA VAL A 212 0.88 7.76 16.79
C VAL A 212 1.94 6.68 17.04
N TYR A 213 3.07 7.08 17.62
CA TYR A 213 4.15 6.13 17.76
C TYR A 213 3.79 4.99 18.72
N GLN A 214 3.04 5.28 19.79
CA GLN A 214 2.66 4.21 20.72
C GLN A 214 1.80 3.17 20.02
N ILE A 215 0.90 3.60 19.16
CA ILE A 215 0.05 2.67 18.44
C ILE A 215 0.86 1.86 17.44
N LEU A 216 1.72 2.52 16.66
CA LEU A 216 2.58 1.77 15.73
C LEU A 216 3.48 0.79 16.46
N GLU A 217 4.11 1.22 17.56
CA GLU A 217 4.88 0.29 18.37
C GLU A 217 4.04 -0.93 18.73
N LYS A 218 2.77 -0.71 19.11
CA LYS A 218 1.94 -1.82 19.56
C LYS A 218 1.60 -2.78 18.43
N GLY A 219 1.40 -2.25 17.21
CA GLY A 219 1.19 -3.13 16.07
C GLY A 219 2.43 -3.91 15.69
N ALA A 220 3.61 -3.33 15.91
CA ALA A 220 4.84 -4.04 15.54
C ALA A 220 5.06 -5.24 16.44
N ALA A 221 4.86 -5.07 17.75
CA ALA A 221 4.99 -6.20 18.67
C ALA A 221 4.00 -7.31 18.34
N LYS A 222 2.77 -6.95 18.01
CA LYS A 222 1.75 -7.92 17.63
C LYS A 222 2.11 -8.67 16.35
N ARG A 223 2.94 -8.09 15.49
CA ARG A 223 3.29 -8.75 14.23
C ARG A 223 4.46 -9.72 14.36
N THR A 224 5.39 -9.47 15.27
CA THR A 224 6.48 -10.42 15.47
C THR A 224 5.98 -11.70 16.13
N THR A 225 5.04 -11.58 17.07
CA THR A 225 4.38 -12.76 17.59
C THR A 225 3.41 -13.36 16.57
N ALA A 226 2.95 -12.58 15.62
CA ALA A 226 2.17 -13.13 14.54
C ALA A 226 3.20 -13.98 13.77
N ALA A 227 4.41 -13.48 13.63
CA ALA A 227 5.46 -14.21 12.97
C ALA A 227 5.72 -15.60 13.56
N THR A 228 5.68 -15.76 14.89
CA THR A 228 5.93 -17.08 15.49
C THR A 228 5.00 -18.22 15.10
N LEU A 229 3.72 -17.93 14.96
CA LEU A 229 2.66 -18.89 14.63
C LEU A 229 2.14 -18.70 13.21
N MET A 230 3.01 -19.00 12.25
CA MET A 230 2.72 -18.84 10.85
C MET A 230 3.77 -19.45 10.00
N ASN A 231 3.40 -19.86 8.82
CA ASN A 231 4.36 -20.44 7.89
C ASN A 231 4.67 -19.43 6.78
N ALA A 232 5.94 -19.02 6.68
CA ALA A 232 6.39 -17.98 5.74
C ALA A 232 5.46 -16.78 5.76
N TYR A 233 5.17 -16.30 6.98
CA TYR A 233 4.00 -15.47 7.21
C TYR A 233 4.09 -14.12 6.51
N SER A 234 5.19 -13.39 6.74
CA SER A 234 5.26 -12.01 6.25
CA SER A 234 5.30 -12.01 6.26
C SER A 234 5.24 -11.94 4.73
N SER A 235 5.85 -12.89 4.05
CA SER A 235 5.89 -12.79 2.59
C SER A 235 4.58 -13.24 1.95
N ARG A 236 3.74 -13.98 2.68
CA ARG A 236 2.48 -14.46 2.14
C ARG A 236 1.26 -13.74 2.70
N SER A 237 1.46 -12.87 3.69
CA SER A 237 0.38 -12.12 4.32
C SER A 237 0.18 -10.75 3.66
N HIS A 238 -1.06 -10.24 3.70
CA HIS A 238 -1.38 -8.90 3.26
C HIS A 238 -1.67 -8.03 4.48
N SER A 239 -1.25 -6.77 4.44
N SER A 239 -1.12 -6.83 4.51
CA SER A 239 -1.36 -5.84 5.56
CA SER A 239 -1.39 -5.83 5.55
C SER A 239 -2.17 -4.64 5.10
C SER A 239 -2.33 -4.79 4.97
N VAL A 240 -3.27 -4.35 5.78
CA VAL A 240 -4.13 -3.21 5.45
C VAL A 240 -4.14 -2.27 6.65
N PHE A 241 -3.49 -1.13 6.48
CA PHE A 241 -3.56 -0.05 7.44
C PHE A 241 -4.60 0.94 6.95
N SER A 242 -5.53 1.34 7.81
CA SER A 242 -6.55 2.33 7.40
C SER A 242 -6.62 3.49 8.38
N VAL A 243 -6.62 4.72 7.87
CA VAL A 243 -6.82 5.88 8.72
C VAL A 243 -8.08 6.59 8.25
N THR A 244 -8.94 6.96 9.19
CA THR A 244 -10.19 7.66 8.88
C THR A 244 -10.16 8.98 9.62
N ILE A 245 -10.43 10.05 8.88
CA ILE A 245 -10.40 11.40 9.44
C ILE A 245 -11.81 11.96 9.40
N HIS A 246 -12.35 12.25 10.58
CA HIS A 246 -13.61 12.96 10.74
C HIS A 246 -13.25 14.43 10.93
N MET A 247 -13.81 15.30 10.07
CA MET A 247 -13.51 16.72 10.06
C MET A 247 -14.81 17.52 10.10
N LYS A 248 -14.83 18.58 10.89
CA LYS A 248 -16.03 19.37 11.08
C LYS A 248 -15.67 20.84 11.06
N GLU A 249 -16.35 21.63 10.22
CA GLU A 249 -16.13 23.06 10.17
C GLU A 249 -17.46 23.77 9.96
N THR A 250 -17.59 24.96 10.55
CA THR A 250 -18.82 25.75 10.43
C THR A 250 -18.68 26.87 9.39
N GLU A 256 -21.90 24.44 9.99
CA GLU A 256 -21.32 23.16 10.40
CA GLU A 256 -21.32 23.16 10.40
C GLU A 256 -21.33 22.15 9.24
N LEU A 257 -20.25 22.15 8.45
CA LEU A 257 -20.11 21.28 7.29
C LEU A 257 -19.05 20.21 7.56
N VAL A 258 -19.41 18.96 7.30
CA VAL A 258 -18.66 17.78 7.74
C VAL A 258 -17.94 17.15 6.56
N LYS A 259 -16.79 16.52 6.85
CA LYS A 259 -16.03 15.76 5.87
C LYS A 259 -15.46 14.53 6.55
N ILE A 260 -15.51 13.39 5.86
CA ILE A 260 -14.92 12.15 6.34
C ILE A 260 -14.05 11.61 5.22
N GLY A 261 -12.76 11.53 5.48
CA GLY A 261 -11.80 11.02 4.50
C GLY A 261 -11.21 9.72 5.04
N LYS A 262 -10.96 8.78 4.14
CA LYS A 262 -10.35 7.53 4.53
C LYS A 262 -9.19 7.23 3.60
N LEU A 263 -8.09 6.73 4.18
CA LEU A 263 -6.94 6.30 3.38
C LEU A 263 -6.62 4.87 3.78
N ASN A 264 -6.50 3.98 2.82
CA ASN A 264 -6.03 2.62 3.06
C ASN A 264 -4.65 2.49 2.48
N LEU A 265 -3.73 1.95 3.30
CA LEU A 265 -2.31 1.77 2.96
C LEU A 265 -2.02 0.28 3.05
N VAL A 266 -1.87 -0.36 1.87
CA VAL A 266 -1.89 -1.81 1.69
C VAL A 266 -0.51 -2.26 1.26
N ASP A 267 0.06 -3.21 2.03
CA ASP A 267 1.33 -3.88 1.78
C ASP A 267 0.97 -5.32 1.38
N LEU A 268 1.06 -5.65 0.09
CA LEU A 268 0.53 -6.93 -0.38
C LEU A 268 1.53 -8.04 -0.11
N ALA A 269 1.03 -9.27 -0.09
CA ALA A 269 1.91 -10.43 -0.09
C ALA A 269 2.81 -10.38 -1.33
N GLY A 270 3.95 -11.05 -1.24
CA GLY A 270 4.92 -11.01 -2.33
C GLY A 270 4.34 -11.59 -3.61
N SER A 271 4.66 -10.96 -4.74
CA SER A 271 4.00 -11.22 -6.00
C SER A 271 4.49 -12.51 -6.64
N GLU A 272 5.63 -13.03 -6.17
CA GLU A 272 6.18 -14.27 -6.70
C GLU A 272 5.34 -15.49 -6.36
N ASN A 273 4.45 -15.40 -5.36
CA ASN A 273 3.73 -16.56 -4.85
C ASN A 273 2.67 -17.08 -5.82
N ASN A 289 -5.61 -22.18 0.47
CA ASN A 289 -6.19 -20.86 0.74
C ASN A 289 -5.08 -19.82 0.89
N ILE A 290 -3.83 -20.30 0.94
CA ILE A 290 -2.70 -19.43 1.27
C ILE A 290 -2.58 -18.28 0.27
N ASN A 291 -2.89 -18.53 -1.01
CA ASN A 291 -2.69 -17.51 -2.03
C ASN A 291 -3.99 -17.04 -2.68
N GLN A 292 -5.14 -17.39 -2.11
CA GLN A 292 -6.43 -17.05 -2.72
C GLN A 292 -6.56 -15.55 -2.95
N SER A 293 -6.19 -14.72 -1.95
CA SER A 293 -6.41 -13.28 -2.07
C SER A 293 -5.52 -12.67 -3.14
N LEU A 294 -4.24 -13.01 -3.14
CA LEU A 294 -3.34 -12.54 -4.18
C LEU A 294 -3.79 -13.01 -5.56
N LEU A 295 -4.17 -14.27 -5.67
CA LEU A 295 -4.62 -14.78 -6.96
C LEU A 295 -5.90 -14.09 -7.40
N THR A 296 -6.86 -13.90 -6.47
CA THR A 296 -8.10 -13.21 -6.82
C THR A 296 -7.86 -11.75 -7.15
N LEU A 297 -6.89 -11.10 -6.51
CA LEU A 297 -6.56 -9.74 -6.93
C LEU A 297 -6.12 -9.73 -8.39
N GLY A 298 -5.37 -10.74 -8.81
CA GLY A 298 -4.93 -10.82 -10.20
C GLY A 298 -6.08 -11.04 -11.16
N ARG A 299 -7.07 -11.84 -10.77
CA ARG A 299 -8.27 -12.05 -11.60
C ARG A 299 -9.10 -10.79 -11.69
N VAL A 300 -9.30 -10.09 -10.55
CA VAL A 300 -10.05 -8.84 -10.53
C VAL A 300 -9.41 -7.81 -11.45
N ILE A 301 -8.10 -7.64 -11.36
CA ILE A 301 -7.43 -6.68 -12.22
C ILE A 301 -7.58 -7.11 -13.67
N THR A 302 -7.32 -8.39 -13.97
CA THR A 302 -7.58 -8.89 -15.32
C THR A 302 -9.02 -8.60 -15.75
N ALA A 303 -10.00 -9.05 -14.96
CA ALA A 303 -11.40 -8.78 -15.31
C ALA A 303 -11.63 -7.31 -15.60
N LEU A 304 -11.01 -6.42 -14.82
CA LEU A 304 -11.18 -5.00 -15.05
C LEU A 304 -10.46 -4.53 -16.32
N VAL A 305 -9.25 -5.05 -16.59
CA VAL A 305 -8.52 -4.54 -17.76
C VAL A 305 -9.16 -5.03 -19.06
N GLU A 306 -9.78 -6.20 -19.05
CA GLU A 306 -10.44 -6.72 -20.25
CA GLU A 306 -10.45 -6.75 -20.23
C GLU A 306 -11.91 -6.31 -20.34
N ARG A 307 -12.39 -5.48 -19.40
CA ARG A 307 -13.77 -5.01 -19.38
CA ARG A 307 -13.77 -5.01 -19.38
C ARG A 307 -14.75 -6.17 -19.25
N THR A 308 -14.33 -7.26 -18.63
CA THR A 308 -15.22 -8.40 -18.40
C THR A 308 -16.30 -8.01 -17.39
N PRO A 309 -17.58 -8.33 -17.66
CA PRO A 309 -18.65 -7.86 -16.76
C PRO A 309 -18.63 -8.47 -15.38
N HIS A 310 -18.15 -9.70 -15.24
CA HIS A 310 -18.04 -10.33 -13.92
C HIS A 310 -16.64 -10.11 -13.37
N VAL A 311 -16.54 -9.25 -12.38
CA VAL A 311 -15.31 -9.05 -11.60
C VAL A 311 -15.45 -9.85 -10.32
N PRO A 312 -14.61 -10.83 -10.07
CA PRO A 312 -14.78 -11.75 -8.92
C PRO A 312 -14.31 -11.18 -7.58
N TYR A 313 -14.84 -10.02 -7.23
CA TYR A 313 -14.46 -9.35 -5.98
C TYR A 313 -14.69 -10.23 -4.77
N ARG A 314 -15.83 -10.92 -4.72
CA ARG A 314 -16.22 -11.65 -3.53
C ARG A 314 -15.49 -12.98 -3.37
N GLU A 315 -14.54 -13.30 -4.26
CA GLU A 315 -13.82 -14.56 -4.19
C GLU A 315 -12.57 -14.50 -3.32
N SER A 316 -12.35 -13.38 -2.63
CA SER A 316 -11.32 -13.31 -1.60
C SER A 316 -11.62 -12.16 -0.64
N LYS A 317 -11.05 -12.26 0.56
CA LYS A 317 -11.24 -11.23 1.57
C LYS A 317 -10.56 -9.93 1.17
N LEU A 318 -9.34 -10.01 0.60
CA LEU A 318 -8.66 -8.80 0.15
C LEU A 318 -9.51 -8.02 -0.85
N THR A 319 -10.08 -8.71 -1.83
CA THR A 319 -10.79 -8.03 -2.89
C THR A 319 -12.16 -7.54 -2.45
N ARG A 320 -12.76 -8.14 -1.42
CA ARG A 320 -13.93 -7.50 -0.79
C ARG A 320 -13.53 -6.22 -0.08
N ILE A 321 -12.40 -6.24 0.61
CA ILE A 321 -12.00 -5.08 1.38
C ILE A 321 -11.70 -3.91 0.46
N LEU A 322 -11.05 -4.18 -0.66
CA LEU A 322 -10.64 -3.11 -1.56
C LEU A 322 -11.43 -3.12 -2.86
N GLN A 323 -12.62 -3.73 -2.85
CA GLN A 323 -13.49 -3.68 -4.02
C GLN A 323 -13.67 -2.25 -4.53
N ASP A 324 -13.93 -1.30 -3.63
CA ASP A 324 -14.18 0.07 -4.07
C ASP A 324 -12.94 0.74 -4.62
N SER A 325 -11.74 0.24 -4.29
CA SER A 325 -10.48 0.75 -4.81
C SER A 325 -10.19 0.26 -6.22
N LEU A 326 -10.90 -0.78 -6.67
CA LEU A 326 -10.61 -1.43 -7.95
C LEU A 326 -11.84 -1.29 -8.83
N GLY A 327 -11.95 -0.14 -9.52
CA GLY A 327 -13.11 0.12 -10.35
C GLY A 327 -14.29 0.76 -9.63
N GLY A 328 -14.11 1.20 -8.39
CA GLY A 328 -15.17 1.86 -7.66
C GLY A 328 -14.91 3.34 -7.43
N ARG A 329 -15.36 3.87 -6.29
CA ARG A 329 -15.36 5.31 -6.04
C ARG A 329 -14.21 5.77 -5.15
N THR A 330 -13.17 4.98 -5.05
CA THR A 330 -11.98 5.32 -4.29
C THR A 330 -10.89 5.67 -5.28
N ARG A 331 -10.08 6.71 -4.99
CA ARG A 331 -8.93 7.07 -5.83
C ARG A 331 -7.75 6.20 -5.38
N THR A 332 -7.07 5.56 -6.32
CA THR A 332 -6.11 4.50 -6.01
C THR A 332 -4.78 4.70 -6.72
N SER A 333 -3.67 4.47 -6.00
CA SER A 333 -2.35 4.42 -6.60
C SER A 333 -1.75 3.08 -6.23
N ILE A 334 -0.89 2.59 -7.12
CA ILE A 334 -0.12 1.39 -6.88
C ILE A 334 1.34 1.79 -6.95
N ILE A 335 2.13 1.37 -5.95
CA ILE A 335 3.59 1.44 -6.02
C ILE A 335 4.10 0.02 -6.28
N ALA A 336 4.60 -0.20 -7.50
CA ALA A 336 5.21 -1.46 -7.89
C ALA A 336 6.68 -1.40 -7.56
N THR A 337 7.15 -2.33 -6.71
CA THR A 337 8.53 -2.36 -6.26
C THR A 337 9.25 -3.45 -7.03
N ILE A 338 10.50 -3.17 -7.38
CA ILE A 338 11.27 -4.11 -8.17
C ILE A 338 12.70 -4.09 -7.69
N SER A 339 13.43 -5.20 -8.06
CA SER A 339 14.83 -5.32 -7.85
C SER A 339 15.55 -5.04 -9.18
N PRO A 340 16.76 -4.49 -9.10
CA PRO A 340 17.52 -4.24 -10.32
C PRO A 340 18.24 -5.46 -10.85
N ALA A 341 18.24 -6.58 -10.11
CA ALA A 341 19.20 -7.66 -10.34
C ALA A 341 18.74 -8.64 -11.41
N SER A 342 19.72 -9.11 -12.22
CA SER A 342 19.47 -10.09 -13.28
C SER A 342 18.79 -11.35 -12.77
N LEU A 343 19.09 -11.76 -11.53
CA LEU A 343 18.47 -12.92 -10.92
C LEU A 343 16.95 -12.84 -11.00
N ASN A 344 16.40 -11.63 -11.00
CA ASN A 344 14.97 -11.49 -10.80
C ASN A 344 14.24 -11.13 -12.08
N LEU A 345 14.89 -11.31 -13.25
CA LEU A 345 14.30 -10.84 -14.50
C LEU A 345 12.84 -11.26 -14.64
N GLU A 346 12.51 -12.51 -14.32
CA GLU A 346 11.18 -13.02 -14.58
C GLU A 346 10.14 -12.39 -13.65
N GLU A 347 10.45 -12.31 -12.35
CA GLU A 347 9.56 -11.63 -11.42
C GLU A 347 9.46 -10.14 -11.73
N THR A 348 10.56 -9.53 -12.17
CA THR A 348 10.55 -8.10 -12.42
C THR A 348 9.68 -7.78 -13.64
N LEU A 349 9.86 -8.53 -14.73
CA LEU A 349 8.95 -8.39 -15.88
C LEU A 349 7.50 -8.66 -15.49
N SER A 350 7.24 -9.68 -14.68
CA SER A 350 5.88 -9.98 -14.25
CA SER A 350 5.88 -9.96 -14.26
C SER A 350 5.28 -8.79 -13.47
N THR A 351 6.07 -8.22 -12.58
CA THR A 351 5.60 -7.08 -11.81
C THR A 351 5.30 -5.88 -12.71
N LEU A 352 6.20 -5.61 -13.67
CA LEU A 352 6.02 -4.47 -14.55
C LEU A 352 4.77 -4.63 -15.43
N GLU A 353 4.54 -5.83 -15.98
CA GLU A 353 3.37 -6.05 -16.82
C GLU A 353 2.11 -5.89 -16.02
N TYR A 354 2.10 -6.49 -14.83
CA TYR A 354 0.94 -6.42 -13.95
C TYR A 354 0.57 -4.97 -13.66
N ALA A 355 1.58 -4.19 -13.30
CA ALA A 355 1.35 -2.81 -12.92
C ALA A 355 0.99 -1.94 -14.12
N HIS A 356 1.62 -2.17 -15.26
CA HIS A 356 1.32 -1.32 -16.40
C HIS A 356 -0.13 -1.49 -16.85
N ARG A 357 -0.65 -2.72 -16.81
CA ARG A 357 -2.02 -2.96 -17.23
C ARG A 357 -2.99 -2.22 -16.32
N ALA A 358 -2.62 -2.03 -15.04
CA ALA A 358 -3.48 -1.41 -14.04
C ALA A 358 -3.78 0.04 -14.38
N LYS A 359 -2.93 0.66 -15.20
CA LYS A 359 -3.09 2.07 -15.55
C LYS A 359 -4.41 2.35 -16.25
N ASN A 360 -5.01 1.36 -16.91
CA ASN A 360 -6.24 1.61 -17.66
C ASN A 360 -7.51 1.30 -16.89
N ILE A 361 -7.42 0.95 -15.62
CA ILE A 361 -8.60 0.79 -14.78
C ILE A 361 -9.08 2.18 -14.38
N LEU A 362 -10.35 2.49 -14.68
CA LEU A 362 -10.92 3.77 -14.31
C LEU A 362 -11.70 3.64 -13.02
N ASN A 363 -11.41 4.53 -12.06
CA ASN A 363 -12.24 4.73 -10.88
C ASN A 363 -12.98 6.05 -11.03
N LYS A 364 -14.02 6.24 -10.21
CA LYS A 364 -14.83 7.46 -10.24
C LYS A 364 -15.09 7.94 -8.82
N PRO A 365 -14.13 8.67 -8.22
CA PRO A 365 -14.25 9.11 -6.83
C PRO A 365 -15.44 10.00 -6.53
N GLU A 366 -16.40 9.46 -5.76
CA GLU A 366 -17.54 10.21 -5.24
C GLU A 366 -18.44 10.80 -6.34
PB ADP B . 9.28 -6.55 0.98
O1B ADP B . 8.95 -6.23 -0.44
O2B ADP B . 8.37 -5.99 2.01
O3B ADP B . 9.58 -8.05 1.08
PA ADP B . 11.32 -4.99 2.40
O1A ADP B . 10.70 -3.62 2.23
O2A ADP B . 11.27 -5.68 3.72
O3A ADP B . 10.73 -5.90 1.20
O5' ADP B . 12.80 -4.83 1.90
C5' ADP B . 13.79 -5.90 2.08
C4' ADP B . 15.10 -5.32 2.60
O4' ADP B . 15.53 -4.34 1.67
C3' ADP B . 14.86 -4.57 3.91
O3' ADP B . 16.05 -4.64 4.71
C2' ADP B . 14.65 -3.13 3.49
O2' ADP B . 15.04 -2.18 4.48
C1' ADP B . 15.62 -3.06 2.31
N9 ADP B . 15.16 -2.06 1.33
C8 ADP B . 14.02 -2.15 0.64
N7 ADP B . 13.92 -1.07 -0.19
C5 ADP B . 15.04 -0.34 -0.04
C6 ADP B . 15.54 0.93 -0.60
N6 ADP B . 14.81 1.63 -1.51
N1 ADP B . 16.72 1.38 -0.14
C2 ADP B . 17.43 0.68 0.78
N3 ADP B . 17.00 -0.44 1.36
C4 ADP B . 15.84 -0.99 0.99
MG MG C . 7.29 -6.89 3.50
C10 EOK D . 5.35 1.13 11.73
C13 EOK D . 2.03 -0.17 10.18
C17 EOK D . 8.04 1.54 14.40
C01 EOK D . 8.77 1.34 11.13
C02 EOK D . 7.69 2.20 11.77
C03 EOK D . 8.25 3.64 11.97
C04 EOK D . 7.55 4.53 12.75
C05 EOK D . 8.05 5.81 12.91
C06 EOK D . 9.22 6.24 12.29
C07 EOK D . 9.93 5.31 11.52
C08 EOK D . 9.43 4.03 11.35
C12 EOK D . 3.33 0.61 10.32
C18 EOK D . 7.36 0.78 15.55
N11 EOK D . 4.10 0.43 11.50
N15 EOK D . 6.00 0.79 13.02
N16 EOK D . 7.32 1.56 13.16
O14 EOK D . 3.73 1.37 9.50
O19 EOK D . 9.06 2.11 14.57
S09 EOK D . 6.32 2.24 10.87
#